data_5TEH
#
_entry.id   5TEH
#
_cell.length_a   41.790
_cell.length_b   63.590
_cell.length_c   76.070
_cell.angle_alpha   76.730
_cell.angle_beta   89.930
_cell.angle_gamma   89.790
#
_symmetry.space_group_name_H-M   'P 1'
#
loop_
_entity.id
_entity.type
_entity.pdbx_description
1 polymer 'Proto-oncogene tyrosine-protein kinase Src'
2 non-polymer (2S)-3-[4-amino-7-(2-methoxyethyl)-5-(4-phenoxyphenyl)-7H-pyrrolo[2,3-d]pyrimidin-6-yl]-2-cyano-N-(propan-2-yl)propanamide
3 water water
#
_entity_poly.entity_id   1
_entity_poly.type   'polypeptide(L)'
_entity_poly.pdbx_seq_one_letter_code
;GHMQTQGLAKDAWEIPRESLRLEVKLGQGCFGECWMGTWNGTTRVAIKTLKPGTMSPEAFLQEAQVMKKLRHEKLVQLYA
VVSEEPIYIVTEYMSKGSLLDFLKGEMGKYLRLPQLVDMAAQIASGMAYVERMNYVHRDLRAANILVGENLVCKVADFGL
ARLIEDNEYTARQGAKFPIKWTAPEAALYGRFTIKSDVWSFGILLTELTTKGRVPYPGMVNREVLDQVERGYRMPCPPEC
PESLHDLMCQCWRKDPEERPTFEYLQAFLEDYFTSTEPQYQPGENL
;
_entity_poly.pdbx_strand_id   A,B
#
loop_
_chem_comp.id
_chem_comp.type
_chem_comp.name
_chem_comp.formula
S56 non-polymer (2S)-3-[4-amino-7-(2-methoxyethyl)-5-(4-phenoxyphenyl)-7H-pyrrolo[2,3-d]pyrimidin-6-yl]-2-cyano-N-(propan-2-yl)propanamide 'C28 H30 N6 O3'
#
# COMPACT_ATOMS: atom_id res chain seq x y z
N ALA A 9 -43.96 8.36 24.15
CA ALA A 9 -42.78 9.17 24.55
C ALA A 9 -41.59 8.82 23.67
N LYS A 10 -40.42 9.36 24.00
CA LYS A 10 -39.14 8.95 23.39
C LYS A 10 -38.05 8.78 24.45
N ASP A 11 -36.96 8.15 24.07
CA ASP A 11 -35.89 7.85 25.01
C ASP A 11 -34.94 9.05 25.19
N ALA A 12 -34.11 8.93 26.22
CA ALA A 12 -33.22 10.03 26.64
C ALA A 12 -32.17 10.35 25.59
N TRP A 13 -31.70 9.31 24.89
CA TRP A 13 -30.71 9.48 23.84
C TRP A 13 -31.08 10.59 22.85
N GLU A 14 -32.36 10.95 22.75
CA GLU A 14 -32.80 11.96 21.79
C GLU A 14 -32.44 13.39 22.18
N ILE A 15 -32.22 14.21 21.14
CA ILE A 15 -31.96 15.66 21.26
C ILE A 15 -32.46 16.46 20.04
N PRO A 16 -32.47 17.81 20.11
CA PRO A 16 -32.84 18.63 18.96
C PRO A 16 -31.80 18.72 17.83
N ARG A 17 -32.24 19.30 16.72
CA ARG A 17 -31.45 19.37 15.49
C ARG A 17 -30.65 20.64 15.32
N GLU A 18 -31.06 21.75 15.95
CA GLU A 18 -30.34 23.02 15.79
C GLU A 18 -28.99 23.05 16.53
N SER A 19 -28.89 22.36 17.67
CA SER A 19 -27.64 22.28 18.46
C SER A 19 -26.52 21.63 17.68
N LEU A 20 -26.84 20.56 16.96
CA LEU A 20 -25.84 19.86 16.12
C LEU A 20 -25.25 20.80 15.09
N ARG A 21 -23.97 20.64 14.80
CA ARG A 21 -23.31 21.33 13.68
C ARG A 21 -22.31 20.39 13.05
N LEU A 22 -22.44 20.17 11.74
CA LEU A 22 -21.47 19.35 11.00
C LEU A 22 -20.47 20.33 10.40
N GLU A 23 -19.18 20.05 10.62
CA GLU A 23 -18.09 20.98 10.30
C GLU A 23 -16.94 20.41 9.48
N VAL A 24 -16.86 19.08 9.34
CA VAL A 24 -15.84 18.48 8.48
C VAL A 24 -16.40 17.17 7.90
N LYS A 25 -16.15 16.94 6.60
CA LYS A 25 -16.62 15.73 5.89
C LYS A 25 -15.55 14.68 5.93
N LEU A 26 -15.80 13.59 6.65
CA LEU A 26 -14.75 12.59 6.97
C LEU A 26 -14.69 11.41 5.99
N GLY A 27 -15.80 11.10 5.34
CA GLY A 27 -15.81 9.96 4.43
C GLY A 27 -16.87 10.13 3.36
N GLN A 28 -16.98 9.12 2.52
CA GLN A 28 -18.07 9.04 1.56
C GLN A 28 -18.27 7.57 1.17
N GLY A 29 -19.52 7.14 1.04
CA GLY A 29 -19.79 5.76 0.63
C GLY A 29 -21.21 5.36 0.25
N CYS A 30 -21.35 4.03 0.13
CA CYS A 30 -22.58 3.33 -0.19
C CYS A 30 -23.42 3.11 1.10
N PHE A 31 -22.99 3.71 2.22
CA PHE A 31 -23.51 3.48 3.59
C PHE A 31 -24.17 4.68 4.29
N GLY A 32 -23.72 5.90 3.97
CA GLY A 32 -24.09 7.12 4.73
C GLY A 32 -22.99 8.17 4.59
N GLU A 33 -22.85 9.07 5.56
CA GLU A 33 -21.69 9.99 5.56
C GLU A 33 -20.99 10.14 6.94
N CYS A 34 -19.68 9.81 7.00
CA CYS A 34 -18.83 10.22 8.15
C CYS A 34 -18.59 11.76 8.13
N TRP A 35 -18.98 12.46 9.23
CA TRP A 35 -18.67 13.90 9.41
C TRP A 35 -18.01 14.10 10.78
N MET A 36 -17.15 15.11 10.95
CA MET A 36 -16.80 15.60 12.31
C MET A 36 -17.95 16.49 12.62
N GLY A 37 -17.99 17.06 13.81
CA GLY A 37 -18.89 18.16 14.10
C GLY A 37 -18.89 18.62 15.54
N THR A 38 -19.83 19.52 15.81
CA THR A 38 -19.98 20.16 17.10
C THR A 38 -21.37 19.93 17.58
N TRP A 39 -21.54 19.45 18.81
CA TRP A 39 -22.85 19.39 19.44
C TRP A 39 -22.88 20.52 20.44
N ASN A 40 -24.06 21.10 20.61
CA ASN A 40 -24.27 22.21 21.56
C ASN A 40 -23.27 23.36 21.27
N GLY A 41 -22.72 23.44 20.06
CA GLY A 41 -21.74 24.46 19.71
C GLY A 41 -20.43 24.55 20.49
N THR A 42 -20.24 23.72 21.52
CA THR A 42 -18.96 23.71 22.24
C THR A 42 -18.60 22.33 22.69
N THR A 43 -18.91 21.31 21.89
CA THR A 43 -18.48 19.95 22.19
C THR A 43 -18.19 19.23 20.86
N ARG A 44 -16.94 18.79 20.73
CA ARG A 44 -16.46 18.07 19.57
C ARG A 44 -17.16 16.73 19.53
N VAL A 45 -17.60 16.35 18.33
CA VAL A 45 -18.39 15.15 18.14
C VAL A 45 -18.25 14.59 16.74
N ALA A 46 -18.40 13.25 16.63
CA ALA A 46 -18.33 12.52 15.37
C ALA A 46 -19.69 12.17 15.00
N ILE A 47 -20.03 12.39 13.73
CA ILE A 47 -21.39 12.15 13.23
C ILE A 47 -21.38 11.24 12.01
N LYS A 48 -22.36 10.33 12.01
CA LYS A 48 -22.69 9.56 10.83
C LYS A 48 -24.14 9.71 10.48
N THR A 49 -24.35 9.92 9.18
CA THR A 49 -25.62 10.15 8.56
C THR A 49 -26.01 8.87 7.84
N LEU A 50 -27.32 8.73 7.64
CA LEU A 50 -27.92 7.65 6.88
C LEU A 50 -28.90 8.28 5.88
N LYS A 51 -29.27 7.52 4.85
CA LYS A 51 -30.12 7.99 3.76
C LYS A 51 -31.61 7.59 3.96
N PRO A 52 -32.56 8.50 3.59
CA PRO A 52 -33.94 8.08 3.46
C PRO A 52 -34.41 7.83 2.00
N GLY A 53 -33.56 7.21 1.19
CA GLY A 53 -33.98 6.48 -0.01
C GLY A 53 -33.13 5.27 -0.37
N THR A 54 -32.27 4.80 0.56
CA THR A 54 -31.47 3.56 0.42
C THR A 54 -31.51 2.68 1.71
N MET A 55 -32.30 3.11 2.70
CA MET A 55 -32.53 2.34 3.94
C MET A 55 -33.82 2.85 4.69
N SER A 56 -34.11 2.23 5.85
CA SER A 56 -35.21 2.61 6.74
C SER A 56 -34.72 2.71 8.18
N PRO A 57 -35.36 3.55 9.00
CA PRO A 57 -34.96 3.69 10.39
C PRO A 57 -34.94 2.38 11.20
N GLU A 58 -36.03 1.62 11.17
CA GLU A 58 -36.13 0.40 11.98
C GLU A 58 -34.98 -0.54 11.56
N ALA A 59 -34.81 -0.73 10.26
CA ALA A 59 -33.82 -1.66 9.69
C ALA A 59 -32.38 -1.38 10.07
N PHE A 60 -32.03 -0.12 10.27
CA PHE A 60 -30.64 0.26 10.60
C PHE A 60 -30.50 0.73 12.04
N LEU A 61 -31.61 1.15 12.69
CA LEU A 61 -31.65 1.47 14.13
C LEU A 61 -31.74 0.22 15.07
N GLN A 62 -31.73 -0.98 14.50
CA GLN A 62 -31.42 -2.22 15.22
C GLN A 62 -29.94 -2.27 15.61
N GLU A 63 -29.07 -1.69 14.78
CA GLU A 63 -27.67 -1.53 15.14
C GLU A 63 -27.53 -0.48 16.26
N ALA A 64 -28.51 0.42 16.37
CA ALA A 64 -28.49 1.45 17.39
C ALA A 64 -28.80 0.86 18.73
N GLN A 65 -29.86 0.06 18.88
CA GLN A 65 -30.16 -0.60 20.18
C GLN A 65 -28.93 -1.30 20.80
N VAL A 66 -28.37 -2.23 20.02
CA VAL A 66 -27.16 -2.95 20.40
C VAL A 66 -26.05 -1.97 20.81
N MET A 67 -25.93 -0.83 20.13
CA MET A 67 -25.03 0.20 20.59
C MET A 67 -25.55 0.80 21.91
N LYS A 68 -26.81 1.18 21.94
CA LYS A 68 -27.39 1.85 23.13
C LYS A 68 -27.40 0.96 24.36
N LYS A 69 -27.44 -0.36 24.16
CA LYS A 69 -27.34 -1.31 25.26
C LYS A 69 -25.96 -1.32 25.89
N LEU A 70 -24.94 -1.41 25.04
CA LEU A 70 -23.53 -1.47 25.43
C LEU A 70 -22.91 -0.11 25.70
N ARG A 71 -22.25 0.04 26.84
CA ARG A 71 -21.59 1.29 27.22
C ARG A 71 -20.31 1.01 28.04
N HIS A 72 -19.16 0.99 27.36
CA HIS A 72 -17.86 0.68 27.96
C HIS A 72 -16.78 1.56 27.38
N GLU A 73 -15.76 1.81 28.20
CA GLU A 73 -14.74 2.83 27.90
C GLU A 73 -13.82 2.52 26.69
N LYS A 74 -13.88 1.29 26.18
CA LYS A 74 -13.15 0.94 24.96
C LYS A 74 -14.07 0.50 23.78
N LEU A 75 -15.37 0.86 23.84
CA LEU A 75 -16.27 0.83 22.68
C LEU A 75 -16.90 2.23 22.49
N VAL A 76 -16.98 2.61 21.23
CA VAL A 76 -17.11 4.02 20.81
C VAL A 76 -18.45 4.47 21.32
N GLN A 77 -18.43 5.38 22.28
CA GLN A 77 -19.65 5.75 22.98
C GLN A 77 -20.65 6.47 22.02
N LEU A 78 -21.79 5.83 21.78
CA LEU A 78 -22.93 6.45 21.05
C LEU A 78 -23.62 7.46 21.94
N TYR A 79 -23.10 8.69 21.93
CA TYR A 79 -23.63 9.77 22.76
C TYR A 79 -25.12 10.01 22.56
N ALA A 80 -25.58 10.09 21.30
CA ALA A 80 -26.96 10.51 21.03
C ALA A 80 -27.42 10.16 19.63
N VAL A 81 -28.74 10.26 19.44
CA VAL A 81 -29.37 9.89 18.17
C VAL A 81 -30.44 10.89 17.73
N VAL A 82 -30.68 10.90 16.40
CA VAL A 82 -31.85 11.58 15.82
C VAL A 82 -32.68 10.55 15.06
N SER A 83 -33.88 10.25 15.57
CA SER A 83 -34.64 9.07 15.12
C SER A 83 -35.43 9.32 13.85
N GLU A 84 -36.07 10.48 13.75
CA GLU A 84 -36.94 10.80 12.60
C GLU A 84 -36.05 11.13 11.43
N GLU A 85 -36.35 10.56 10.25
CA GLU A 85 -35.49 10.74 9.08
C GLU A 85 -35.43 12.21 8.64
N PRO A 86 -34.24 12.78 8.36
CA PRO A 86 -32.93 12.10 8.31
C PRO A 86 -32.30 11.79 9.67
N ILE A 87 -31.51 10.70 9.73
CA ILE A 87 -31.10 10.05 10.99
C ILE A 87 -29.62 10.20 11.26
N TYR A 88 -29.32 11.32 11.90
CA TYR A 88 -27.98 11.57 12.36
C TYR A 88 -27.84 10.76 13.65
N ILE A 89 -26.77 9.96 13.69
CA ILE A 89 -26.30 9.27 14.90
C ILE A 89 -24.99 9.91 15.32
N VAL A 90 -24.77 9.99 16.64
CA VAL A 90 -23.75 10.86 17.23
C VAL A 90 -22.85 10.11 18.25
N THR A 91 -21.58 10.48 18.29
CA THR A 91 -20.53 9.64 18.89
C THR A 91 -19.26 10.43 19.30
N GLU A 92 -18.56 9.93 20.32
CA GLU A 92 -17.25 10.49 20.67
C GLU A 92 -16.43 10.49 19.41
N TYR A 93 -15.86 11.65 19.08
CA TYR A 93 -14.99 11.78 17.93
C TYR A 93 -13.60 11.31 18.29
N MET A 94 -13.24 10.09 17.88
CA MET A 94 -11.87 9.63 18.02
C MET A 94 -11.10 10.33 16.90
N SER A 95 -10.01 11.00 17.26
CA SER A 95 -9.41 12.06 16.44
C SER A 95 -8.47 11.51 15.38
N LYS A 96 -7.67 10.54 15.82
CA LYS A 96 -6.62 9.92 15.02
C LYS A 96 -7.15 8.83 14.06
N GLY A 97 -8.47 8.68 13.97
CA GLY A 97 -9.07 7.89 12.91
C GLY A 97 -8.89 6.44 13.13
N SER A 98 -8.89 5.69 12.03
CA SER A 98 -8.87 4.26 12.11
C SER A 98 -7.44 3.90 12.36
N LEU A 99 -7.24 2.69 12.88
CA LEU A 99 -5.94 2.24 13.37
C LEU A 99 -5.02 1.82 12.24
N LEU A 100 -5.64 1.25 11.18
CA LEU A 100 -4.97 0.83 9.95
C LEU A 100 -4.26 1.98 9.30
N ASP A 101 -4.94 3.11 9.28
CA ASP A 101 -4.37 4.30 8.68
C ASP A 101 -3.33 4.96 9.60
N PHE A 102 -3.59 4.97 10.90
CA PHE A 102 -2.57 5.40 11.87
C PHE A 102 -1.30 4.56 11.88
N LEU A 103 -1.34 3.31 11.42
CA LEU A 103 -0.15 2.43 11.40
C LEU A 103 0.57 2.47 10.05
N LYS A 104 -0.20 2.56 8.96
CA LYS A 104 0.48 2.89 7.71
C LYS A 104 0.76 4.39 7.70
N GLY A 105 0.16 5.18 8.59
CA GLY A 105 0.51 6.61 8.80
C GLY A 105 1.99 6.92 9.00
N GLU A 106 2.30 8.22 9.17
CA GLU A 106 3.68 8.69 9.45
C GLU A 106 4.12 8.12 10.79
N MET A 107 3.11 8.00 11.67
CA MET A 107 3.31 7.69 13.08
C MET A 107 3.69 6.26 13.17
N GLY A 108 2.79 5.40 12.72
CA GLY A 108 3.10 3.98 12.59
C GLY A 108 4.55 3.63 12.25
N LYS A 109 5.32 4.61 11.77
CA LYS A 109 6.74 4.45 11.42
C LYS A 109 7.55 4.26 12.63
N TYR A 110 7.42 5.22 13.54
CA TYR A 110 8.23 5.28 14.75
C TYR A 110 7.60 4.41 15.88
N LEU A 111 6.27 4.21 15.88
CA LEU A 111 5.61 3.24 16.72
C LEU A 111 6.41 1.97 17.02
N ARG A 112 6.62 1.65 18.30
CA ARG A 112 7.38 0.49 18.67
C ARG A 112 6.53 -0.53 19.43
N LEU A 113 7.13 -1.68 19.77
CA LEU A 113 6.39 -2.81 20.35
C LEU A 113 5.57 -2.62 21.69
N PRO A 114 6.10 -1.91 22.74
CA PRO A 114 5.40 -1.40 23.87
C PRO A 114 4.09 -0.63 23.63
N GLN A 115 3.94 -0.02 22.48
CA GLN A 115 2.68 0.63 22.15
C GLN A 115 1.91 -0.29 21.20
N LEU A 116 2.59 -1.10 20.42
CA LEU A 116 1.81 -2.00 19.58
C LEU A 116 1.07 -2.98 20.48
N VAL A 117 1.74 -3.66 21.42
CA VAL A 117 0.99 -4.51 22.44
C VAL A 117 0.07 -3.75 23.42
N ASP A 118 0.43 -2.56 23.87
CA ASP A 118 -0.46 -1.86 24.82
C ASP A 118 -1.83 -1.54 24.15
N MET A 119 -1.80 -1.02 22.91
CA MET A 119 -3.04 -0.77 22.17
C MET A 119 -3.75 -2.08 22.07
N ALA A 120 -3.02 -3.14 21.74
CA ALA A 120 -3.62 -4.45 21.52
C ALA A 120 -4.22 -4.95 22.83
N ALA A 121 -3.55 -4.68 23.95
CA ALA A 121 -4.17 -4.82 25.26
C ALA A 121 -5.40 -3.98 25.36
N GLN A 122 -5.36 -2.67 25.12
CA GLN A 122 -6.60 -1.86 25.14
C GLN A 122 -7.78 -2.41 24.36
N ILE A 123 -7.54 -3.22 23.35
CA ILE A 123 -8.64 -3.76 22.53
C ILE A 123 -9.05 -5.11 23.09
N ALA A 124 -8.08 -5.94 23.51
CA ALA A 124 -8.40 -7.12 24.31
C ALA A 124 -9.36 -6.74 25.41
N SER A 125 -9.07 -5.62 26.07
CA SER A 125 -10.08 -4.99 26.87
C SER A 125 -11.45 -4.97 26.18
N GLY A 126 -11.73 -3.99 25.34
CA GLY A 126 -13.04 -3.85 24.69
C GLY A 126 -13.69 -5.19 24.32
N MET A 127 -12.87 -6.14 23.82
CA MET A 127 -13.49 -7.42 23.36
C MET A 127 -13.85 -8.41 24.52
N ALA A 128 -13.23 -8.22 25.68
CA ALA A 128 -13.71 -8.81 26.92
C ALA A 128 -15.07 -8.28 27.31
N TYR A 129 -15.27 -6.96 27.30
CA TYR A 129 -16.57 -6.43 27.75
C TYR A 129 -17.72 -6.94 26.88
N VAL A 130 -17.51 -7.01 25.57
CA VAL A 130 -18.52 -7.56 24.64
C VAL A 130 -18.74 -9.00 25.11
N GLU A 131 -17.67 -9.78 25.09
CA GLU A 131 -17.61 -11.16 25.56
C GLU A 131 -18.39 -11.42 26.85
N ARG A 132 -18.37 -10.51 27.80
CA ARG A 132 -19.14 -10.74 29.05
C ARG A 132 -20.60 -10.42 28.86
N MET A 133 -20.91 -9.39 28.06
CA MET A 133 -22.32 -9.10 27.67
C MET A 133 -22.89 -10.02 26.54
N ASN A 134 -22.14 -11.05 26.15
CA ASN A 134 -22.66 -12.13 25.28
C ASN A 134 -23.13 -11.68 23.88
N TYR A 135 -22.28 -10.88 23.24
CA TYR A 135 -22.46 -10.43 21.88
C TYR A 135 -21.30 -10.89 21.04
N VAL A 136 -21.52 -10.90 19.73
CA VAL A 136 -20.44 -11.20 18.77
C VAL A 136 -20.30 -9.95 17.93
N HIS A 137 -19.15 -9.79 17.29
CA HIS A 137 -18.92 -8.68 16.33
C HIS A 137 -19.09 -9.01 14.88
N ARG A 138 -18.64 -10.18 14.48
CA ARG A 138 -18.61 -10.67 13.08
C ARG A 138 -17.39 -10.15 12.34
N ASP A 139 -17.22 -8.83 12.41
CA ASP A 139 -16.08 -8.15 11.90
C ASP A 139 -15.19 -7.43 12.98
N LEU A 140 -13.95 -7.92 13.06
CA LEU A 140 -12.92 -7.30 13.85
C LEU A 140 -11.65 -7.23 13.01
N ARG A 141 -11.16 -6.00 12.84
CA ARG A 141 -9.88 -5.74 12.20
C ARG A 141 -9.36 -4.31 12.30
N ALA A 142 -8.04 -4.15 12.15
CA ALA A 142 -7.34 -2.85 12.31
C ALA A 142 -8.09 -1.71 11.56
N ALA A 143 -8.60 -2.08 10.38
CA ALA A 143 -9.42 -1.19 9.63
C ALA A 143 -10.66 -0.69 10.39
N ASN A 144 -11.07 -1.36 11.49
CA ASN A 144 -12.25 -1.02 12.34
C ASN A 144 -11.91 -0.35 13.69
N ILE A 145 -10.69 -0.55 14.15
CA ILE A 145 -10.34 -0.20 15.50
C ILE A 145 -10.05 1.23 15.48
N LEU A 146 -10.79 2.00 16.28
CA LEU A 146 -10.56 3.45 16.36
C LEU A 146 -9.38 3.74 17.28
N VAL A 147 -8.97 5.03 17.29
CA VAL A 147 -7.85 5.60 18.01
C VAL A 147 -8.01 7.12 18.20
N GLY A 148 -7.49 7.62 19.32
CA GLY A 148 -7.64 9.02 19.75
C GLY A 148 -6.39 9.49 20.44
N GLU A 149 -6.52 10.58 21.18
CA GLU A 149 -5.36 11.20 21.85
C GLU A 149 -4.52 10.18 22.64
N ASN A 150 -3.18 10.33 22.62
CA ASN A 150 -2.30 9.38 23.31
C ASN A 150 -2.70 7.91 23.02
N LEU A 151 -2.94 7.57 21.77
CA LEU A 151 -3.07 6.20 21.30
C LEU A 151 -4.28 5.40 21.84
N VAL A 152 -5.31 6.13 22.23
CA VAL A 152 -6.43 5.50 22.87
C VAL A 152 -7.22 4.79 21.79
N CYS A 153 -6.96 3.49 21.59
CA CYS A 153 -7.82 2.66 20.75
C CYS A 153 -9.24 2.43 21.30
N LYS A 154 -10.20 2.14 20.40
CA LYS A 154 -11.46 1.46 20.71
C LYS A 154 -11.81 0.56 19.49
N VAL A 155 -12.59 -0.49 19.71
CA VAL A 155 -13.11 -1.30 18.62
C VAL A 155 -14.37 -0.57 18.14
N ALA A 156 -14.95 -0.96 17.01
CA ALA A 156 -16.32 -0.51 16.66
C ALA A 156 -16.88 -1.36 15.52
N ASP A 157 -17.85 -0.85 14.72
CA ASP A 157 -18.73 -1.64 13.86
C ASP A 157 -19.19 -2.95 14.58
N PHE A 158 -20.25 -2.83 15.38
CA PHE A 158 -20.72 -3.96 16.25
C PHE A 158 -21.62 -4.88 15.48
N GLY A 159 -22.83 -4.36 15.24
CA GLY A 159 -24.00 -5.11 14.78
C GLY A 159 -23.77 -5.75 13.44
N PHE A 177 -15.73 -9.17 1.02
CA PHE A 177 -15.87 -9.77 2.36
C PHE A 177 -14.52 -10.22 2.96
N PRO A 178 -14.39 -10.16 4.35
CA PRO A 178 -13.15 -10.04 5.10
C PRO A 178 -12.66 -11.38 5.56
N ILE A 179 -12.57 -12.32 4.62
CA ILE A 179 -12.28 -13.72 4.85
C ILE A 179 -10.84 -13.94 5.38
N LYS A 180 -10.00 -12.90 5.29
CA LYS A 180 -8.62 -12.99 5.81
C LYS A 180 -8.54 -12.87 7.32
N TRP A 181 -9.58 -12.31 7.96
CA TRP A 181 -9.70 -12.09 9.42
C TRP A 181 -10.64 -13.07 10.11
N THR A 182 -11.19 -14.02 9.34
CA THR A 182 -12.35 -14.86 9.74
C THR A 182 -12.00 -16.36 10.04
N ALA A 183 -12.54 -16.86 11.14
CA ALA A 183 -12.17 -18.22 11.56
C ALA A 183 -12.79 -19.15 10.57
N PRO A 184 -12.10 -20.25 10.18
CA PRO A 184 -12.63 -21.25 9.21
C PRO A 184 -14.06 -21.75 9.42
N GLU A 185 -14.38 -22.03 10.66
CA GLU A 185 -15.71 -22.37 10.97
C GLU A 185 -16.63 -21.26 10.50
N ALA A 186 -16.20 -20.02 10.50
CA ALA A 186 -17.07 -18.85 10.18
C ALA A 186 -16.99 -18.36 8.72
N ALA A 187 -15.97 -18.78 8.01
CA ALA A 187 -15.93 -18.54 6.61
C ALA A 187 -16.85 -19.53 5.97
N LEU A 188 -16.78 -20.79 6.38
CA LEU A 188 -17.38 -21.89 5.58
C LEU A 188 -18.79 -22.22 5.96
N TYR A 189 -19.09 -22.17 7.26
CA TYR A 189 -20.37 -22.54 7.83
C TYR A 189 -21.16 -21.39 8.41
N GLY A 190 -20.50 -20.42 9.02
CA GLY A 190 -21.21 -19.35 9.73
C GLY A 190 -21.39 -19.83 11.16
N ARG A 191 -20.29 -20.27 11.76
CA ARG A 191 -20.11 -20.41 13.17
C ARG A 191 -19.42 -19.11 13.54
N PHE A 192 -20.21 -18.03 13.54
CA PHE A 192 -19.77 -16.74 14.10
C PHE A 192 -20.05 -16.71 15.59
N THR A 193 -19.03 -17.12 16.35
CA THR A 193 -19.11 -17.21 17.80
C THR A 193 -17.84 -16.59 18.28
N ILE A 194 -17.78 -16.14 19.52
CA ILE A 194 -16.77 -15.16 19.88
C ILE A 194 -15.36 -15.72 19.75
N LYS A 195 -15.28 -17.04 19.55
CA LYS A 195 -14.05 -17.69 19.14
C LYS A 195 -13.77 -17.62 17.65
N SER A 196 -14.65 -16.97 16.88
CA SER A 196 -14.27 -16.29 15.58
C SER A 196 -13.59 -14.92 15.85
N ASP A 197 -14.19 -14.06 16.66
CA ASP A 197 -13.61 -12.71 17.00
C ASP A 197 -12.22 -12.79 17.67
N VAL A 198 -11.80 -13.97 18.14
CA VAL A 198 -10.44 -14.10 18.72
C VAL A 198 -9.48 -14.35 17.58
N TRP A 199 -9.93 -15.14 16.61
CA TRP A 199 -9.11 -15.54 15.50
C TRP A 199 -8.70 -14.26 14.85
N SER A 200 -9.73 -13.44 14.57
CA SER A 200 -9.57 -12.11 14.02
C SER A 200 -8.55 -11.32 14.83
N PHE A 201 -8.84 -11.19 16.12
CA PHE A 201 -7.91 -10.54 17.08
C PHE A 201 -6.48 -11.02 16.90
N GLY A 202 -6.33 -12.34 16.80
CA GLY A 202 -5.07 -12.96 16.38
C GLY A 202 -4.51 -12.47 15.00
N ILE A 203 -5.41 -12.23 14.03
CA ILE A 203 -4.99 -11.61 12.76
C ILE A 203 -4.69 -10.11 12.99
N LEU A 204 -5.64 -9.32 13.50
CA LEU A 204 -5.35 -8.00 14.09
C LEU A 204 -3.91 -7.86 14.73
N LEU A 205 -3.48 -8.95 15.36
CA LEU A 205 -2.25 -8.99 16.10
C LEU A 205 -1.04 -8.96 15.23
N THR A 206 -1.21 -9.40 13.97
CA THR A 206 -0.14 -9.29 12.92
C THR A 206 -0.08 -7.93 12.27
N GLU A 207 -1.12 -7.13 12.39
CA GLU A 207 -1.22 -5.94 11.63
C GLU A 207 -0.48 -4.90 12.34
N LEU A 208 -0.69 -4.88 13.66
CA LEU A 208 -0.02 -3.94 14.52
C LEU A 208 1.46 -4.17 14.41
N THR A 209 1.82 -5.45 14.40
CA THR A 209 3.22 -5.91 14.37
C THR A 209 3.85 -6.06 13.00
N THR A 210 3.13 -5.64 11.97
CA THR A 210 3.71 -5.43 10.63
C THR A 210 2.73 -4.43 10.18
N LYS A 211 3.16 -3.30 9.66
CA LYS A 211 2.37 -2.11 9.79
C LYS A 211 1.24 -2.11 8.77
N GLY A 212 0.06 -2.60 9.16
CA GLY A 212 -1.08 -2.71 8.24
C GLY A 212 -0.80 -3.41 6.89
N ARG A 213 0.14 -4.37 6.89
CA ARG A 213 0.55 -5.09 5.70
C ARG A 213 -0.28 -6.39 5.55
N VAL A 214 -0.91 -6.54 4.37
CA VAL A 214 -2.08 -7.41 4.28
C VAL A 214 -1.87 -8.73 4.94
N PRO A 215 -2.76 -9.05 5.91
CA PRO A 215 -2.81 -10.44 6.36
C PRO A 215 -2.76 -11.44 5.21
N TYR A 216 -1.70 -12.24 5.18
CA TYR A 216 -1.51 -13.44 4.37
C TYR A 216 -0.72 -13.08 3.10
N PRO A 217 0.43 -12.40 3.28
CA PRO A 217 1.09 -11.82 2.07
C PRO A 217 1.20 -12.83 0.93
N GLY A 218 1.16 -12.31 -0.31
CA GLY A 218 1.27 -13.10 -1.53
C GLY A 218 0.00 -13.85 -1.90
N MET A 219 -1.10 -13.65 -1.16
CA MET A 219 -2.16 -14.66 -1.19
C MET A 219 -3.55 -14.08 -1.13
N VAL A 220 -4.46 -14.85 -1.73
CA VAL A 220 -5.75 -14.41 -2.19
C VAL A 220 -6.79 -15.47 -1.87
N ASN A 221 -8.02 -14.97 -1.77
CA ASN A 221 -9.04 -15.51 -0.85
C ASN A 221 -9.29 -17.01 -0.90
N ARG A 222 -8.87 -17.65 -1.97
CA ARG A 222 -9.11 -19.07 -2.22
C ARG A 222 -7.85 -19.80 -1.79
N GLU A 223 -6.71 -19.31 -2.29
CA GLU A 223 -5.44 -19.83 -1.81
C GLU A 223 -5.50 -19.86 -0.24
N VAL A 224 -6.04 -18.82 0.38
CA VAL A 224 -6.07 -18.78 1.88
C VAL A 224 -6.66 -20.03 2.49
N LEU A 225 -7.94 -20.24 2.21
CA LEU A 225 -8.66 -21.35 2.79
C LEU A 225 -7.88 -22.59 2.44
N ASP A 226 -7.92 -23.09 1.19
CA ASP A 226 -7.05 -24.21 0.78
C ASP A 226 -5.82 -24.39 1.74
N GLN A 227 -5.08 -23.30 2.11
CA GLN A 227 -3.86 -23.46 2.90
C GLN A 227 -4.23 -23.49 4.35
N VAL A 228 -4.79 -22.39 4.87
CA VAL A 228 -5.28 -22.31 6.25
C VAL A 228 -5.65 -23.68 6.73
N GLU A 229 -6.63 -24.29 6.06
CA GLU A 229 -7.14 -25.58 6.50
C GLU A 229 -6.01 -26.54 6.47
N ARG A 230 -5.34 -26.64 5.34
CA ARG A 230 -4.31 -27.65 5.15
C ARG A 230 -3.17 -27.51 6.15
N GLY A 231 -3.32 -26.60 7.13
CA GLY A 231 -2.46 -26.52 8.32
C GLY A 231 -1.87 -25.15 8.54
N TYR A 232 -1.57 -24.46 7.45
CA TYR A 232 -0.76 -23.26 7.37
C TYR A 232 -1.27 -22.12 8.20
N ARG A 233 -0.32 -21.49 8.87
CA ARG A 233 -0.54 -20.33 9.70
C ARG A 233 0.62 -19.40 9.55
N MET A 234 0.31 -18.11 9.64
CA MET A 234 1.30 -17.03 9.47
C MET A 234 2.57 -17.19 10.34
N PRO A 235 3.76 -17.11 9.72
CA PRO A 235 4.96 -17.27 10.51
C PRO A 235 5.10 -16.04 11.37
N CYS A 236 5.79 -16.16 12.52
CA CYS A 236 6.20 -14.96 13.28
C CYS A 236 6.73 -13.87 12.34
N PRO A 237 6.21 -12.65 12.42
CA PRO A 237 6.86 -11.53 11.76
C PRO A 237 8.39 -11.35 11.95
N PRO A 238 9.05 -10.65 11.01
CA PRO A 238 10.46 -10.25 11.27
C PRO A 238 10.56 -9.44 12.54
N GLU A 239 11.40 -9.88 13.46
CA GLU A 239 11.76 -9.13 14.72
C GLU A 239 10.68 -9.25 15.83
N CYS A 240 9.77 -10.19 15.77
CA CYS A 240 8.62 -10.22 16.70
C CYS A 240 8.68 -11.40 17.72
N PRO A 241 8.64 -11.13 19.09
CA PRO A 241 8.87 -12.21 20.05
C PRO A 241 7.95 -13.45 19.88
N GLU A 242 8.57 -14.62 19.98
CA GLU A 242 7.92 -15.92 19.85
C GLU A 242 6.79 -16.19 20.86
N SER A 243 6.80 -15.49 21.99
CA SER A 243 5.63 -15.47 22.87
C SER A 243 4.35 -14.93 22.25
N LEU A 244 4.48 -13.81 21.55
CA LEU A 244 3.34 -13.16 20.86
C LEU A 244 2.87 -13.95 19.63
N HIS A 245 3.83 -14.56 18.95
CA HIS A 245 3.51 -15.57 18.00
C HIS A 245 2.76 -16.79 18.59
N ASP A 246 3.15 -17.25 19.75
CA ASP A 246 2.38 -18.24 20.52
C ASP A 246 0.98 -17.75 20.86
N LEU A 247 0.85 -16.48 21.23
CA LEU A 247 -0.47 -15.90 21.49
C LEU A 247 -1.23 -15.85 20.20
N MET A 248 -0.52 -15.49 19.12
CA MET A 248 -1.10 -15.51 17.79
C MET A 248 -1.52 -16.94 17.40
N CYS A 249 -0.56 -17.86 17.30
CA CYS A 249 -0.84 -19.26 16.97
C CYS A 249 -1.87 -19.98 17.90
N GLN A 250 -2.18 -19.51 19.10
CA GLN A 250 -3.33 -20.12 19.83
C GLN A 250 -4.65 -19.40 19.64
N CYS A 251 -4.64 -18.21 19.04
CA CYS A 251 -5.89 -17.61 18.61
C CYS A 251 -6.26 -18.35 17.32
N TRP A 252 -5.30 -18.98 16.64
CA TRP A 252 -5.62 -19.67 15.38
C TRP A 252 -5.74 -21.21 15.43
N ARG A 253 -6.13 -21.75 16.60
CA ARG A 253 -6.29 -23.17 16.77
C ARG A 253 -7.61 -23.65 16.10
N LYS A 254 -7.52 -24.87 15.54
CA LYS A 254 -8.56 -25.49 14.75
C LYS A 254 -9.91 -25.47 15.38
N ASP A 255 -10.02 -26.14 16.53
CA ASP A 255 -11.27 -26.27 17.32
C ASP A 255 -11.49 -24.91 17.97
N PRO A 256 -12.59 -24.23 17.60
CA PRO A 256 -12.84 -22.88 18.12
C PRO A 256 -12.56 -22.76 19.56
N GLU A 257 -13.17 -23.64 20.36
CA GLU A 257 -13.43 -23.38 21.79
C GLU A 257 -12.21 -23.63 22.68
N GLU A 258 -11.16 -24.25 22.16
CA GLU A 258 -9.87 -24.23 22.82
C GLU A 258 -8.98 -23.08 22.28
N ARG A 259 -9.58 -21.99 21.82
CA ARG A 259 -8.85 -20.72 21.73
C ARG A 259 -8.91 -20.05 23.13
N PRO A 260 -8.04 -19.05 23.39
CA PRO A 260 -8.09 -18.42 24.74
C PRO A 260 -9.27 -17.40 24.84
N THR A 261 -9.70 -17.05 26.03
CA THR A 261 -10.75 -16.04 26.16
C THR A 261 -10.12 -14.66 26.02
N PHE A 262 -10.97 -13.66 25.74
CA PHE A 262 -10.57 -12.22 25.62
C PHE A 262 -10.11 -11.59 26.94
N GLU A 263 -10.51 -12.21 28.08
CA GLU A 263 -10.11 -11.87 29.45
C GLU A 263 -8.78 -12.48 29.72
N TYR A 264 -8.60 -13.73 29.31
CA TYR A 264 -7.28 -14.32 29.40
C TYR A 264 -6.39 -13.41 28.59
N LEU A 265 -6.75 -13.12 27.33
CA LEU A 265 -5.98 -12.18 26.50
C LEU A 265 -5.85 -10.76 27.00
N GLN A 266 -6.85 -10.24 27.66
CA GLN A 266 -6.77 -8.88 28.16
C GLN A 266 -5.63 -8.86 29.16
N ALA A 267 -5.57 -9.89 30.03
CA ALA A 267 -4.52 -10.03 30.99
C ALA A 267 -3.18 -10.30 30.34
N PHE A 268 -3.06 -11.25 29.44
CA PHE A 268 -1.72 -11.66 29.00
C PHE A 268 -0.92 -10.49 28.41
N LEU A 269 -1.56 -9.80 27.44
CA LEU A 269 -1.10 -8.50 26.91
C LEU A 269 -0.86 -7.38 27.95
N GLU A 270 -1.80 -7.11 28.83
CA GLU A 270 -1.62 -6.01 29.77
C GLU A 270 -0.37 -6.17 30.68
N ASP A 271 -0.10 -7.38 31.12
CA ASP A 271 1.09 -7.71 31.98
C ASP A 271 2.26 -8.27 31.17
N TYR A 272 2.26 -8.12 29.84
CA TYR A 272 3.20 -8.77 28.94
C TYR A 272 4.65 -8.53 29.33
N PHE A 273 5.03 -7.27 29.52
CA PHE A 273 6.47 -6.95 29.71
C PHE A 273 7.06 -7.23 31.08
N THR A 274 6.22 -7.21 32.13
CA THR A 274 6.57 -7.74 33.44
C THR A 274 6.67 -9.25 33.37
N SER A 275 5.53 -9.89 33.14
CA SER A 275 5.36 -11.35 33.30
C SER A 275 5.89 -12.23 32.16
N THR A 276 5.99 -11.70 30.94
CA THR A 276 6.31 -12.55 29.75
C THR A 276 7.63 -12.30 29.11
N GLU A 277 7.82 -11.09 28.65
CA GLU A 277 9.08 -10.68 28.08
C GLU A 277 9.59 -9.51 28.90
N PRO A 278 10.36 -9.81 29.94
CA PRO A 278 11.30 -8.87 30.52
C PRO A 278 12.74 -9.16 30.01
N GLN A 279 12.84 -9.46 28.73
CA GLN A 279 14.10 -9.79 27.99
C GLN A 279 14.29 -8.93 26.71
N TYR A 280 13.26 -8.15 26.38
CA TYR A 280 13.21 -7.42 25.12
C TYR A 280 13.90 -6.10 25.44
N GLN A 281 14.98 -5.78 24.74
CA GLN A 281 15.36 -4.36 24.50
C GLN A 281 14.89 -4.00 23.09
N PRO A 282 14.82 -2.70 22.72
CA PRO A 282 14.18 -2.35 21.41
C PRO A 282 14.99 -2.62 20.14
N GLY A 283 14.33 -2.57 18.98
CA GLY A 283 14.89 -3.09 17.69
C GLY A 283 14.90 -2.15 16.49
N GLU A 284 14.82 -2.70 15.28
CA GLU A 284 14.83 -1.90 14.03
C GLU A 284 13.45 -1.53 13.49
N ASN A 285 12.42 -2.29 13.84
CA ASN A 285 11.04 -1.88 13.62
C ASN A 285 10.21 -1.88 14.83
N LEU A 286 10.18 -3.04 15.47
CA LEU A 286 9.52 -3.25 16.78
C LEU A 286 10.48 -2.95 17.96
N ALA B 9 43.71 -6.07 -18.43
CA ALA B 9 42.63 -5.80 -17.42
C ALA B 9 41.23 -5.77 -18.06
N LYS B 10 40.65 -6.96 -18.23
CA LYS B 10 39.21 -7.12 -18.53
C LYS B 10 38.60 -8.17 -17.58
N ASP B 11 37.36 -7.93 -17.15
CA ASP B 11 36.80 -8.69 -16.03
C ASP B 11 35.94 -9.85 -16.56
N ALA B 12 35.25 -10.56 -15.67
CA ALA B 12 34.58 -11.81 -16.04
C ALA B 12 33.37 -11.57 -16.91
N TRP B 13 32.68 -10.47 -16.67
CA TRP B 13 31.51 -10.13 -17.50
C TRP B 13 31.82 -10.15 -18.99
N GLU B 14 33.10 -10.04 -19.37
CA GLU B 14 33.51 -9.98 -20.77
C GLU B 14 33.42 -11.31 -21.49
N ILE B 15 33.16 -11.22 -22.80
CA ILE B 15 33.01 -12.38 -23.70
C ILE B 15 33.44 -12.08 -25.16
N PRO B 16 33.55 -13.12 -26.00
CA PRO B 16 33.85 -12.91 -27.43
C PRO B 16 32.70 -12.35 -28.28
N ARG B 17 33.07 -11.98 -29.51
CA ARG B 17 32.18 -11.34 -30.46
C ARG B 17 31.53 -12.28 -31.45
N GLU B 18 32.16 -13.43 -31.70
CA GLU B 18 31.67 -14.38 -32.72
C GLU B 18 30.38 -15.11 -32.26
N SER B 19 30.30 -15.40 -30.96
CA SER B 19 29.16 -16.07 -30.32
C SER B 19 27.89 -15.26 -30.47
N LEU B 20 27.99 -13.94 -30.25
CA LEU B 20 26.84 -13.04 -30.40
C LEU B 20 26.26 -13.12 -31.80
N ARG B 21 24.94 -12.99 -31.87
CA ARG B 21 24.22 -12.76 -33.12
C ARG B 21 23.09 -11.79 -32.86
N LEU B 22 23.06 -10.69 -33.60
CA LEU B 22 21.97 -9.72 -33.55
C LEU B 22 21.00 -10.12 -34.64
N GLU B 23 19.72 -10.24 -34.28
CA GLU B 23 18.70 -10.75 -35.20
C GLU B 23 17.46 -9.89 -35.35
N VAL B 24 17.26 -8.89 -34.49
CA VAL B 24 16.11 -7.97 -34.60
C VAL B 24 16.49 -6.61 -34.06
N LYS B 25 16.06 -5.54 -34.75
CA LYS B 25 16.32 -4.15 -34.36
C LYS B 25 15.17 -3.65 -33.50
N LEU B 26 15.43 -3.38 -32.23
CA LEU B 26 14.39 -3.00 -31.23
C LEU B 26 14.19 -1.46 -31.08
N GLY B 27 15.22 -0.70 -31.40
CA GLY B 27 15.12 0.73 -31.63
C GLY B 27 16.21 1.14 -32.61
N GLN B 28 16.40 2.45 -32.76
CA GLN B 28 17.42 2.98 -33.66
C GLN B 28 17.73 4.42 -33.25
N GLY B 29 19.01 4.80 -33.27
CA GLY B 29 19.42 6.12 -32.77
C GLY B 29 20.71 6.73 -33.29
N CYS B 30 20.87 8.01 -32.98
CA CYS B 30 22.07 8.80 -33.30
C CYS B 30 23.18 8.54 -32.24
N PHE B 31 22.85 7.76 -31.20
CA PHE B 31 23.75 7.45 -30.08
C PHE B 31 24.03 5.96 -29.85
N GLY B 32 23.06 5.08 -30.14
CA GLY B 32 23.16 3.67 -29.74
C GLY B 32 21.86 2.89 -30.00
N GLU B 33 21.94 1.56 -30.03
CA GLU B 33 20.91 0.76 -30.69
C GLU B 33 20.40 -0.47 -29.86
N CYS B 34 19.10 -0.49 -29.53
CA CYS B 34 18.45 -1.67 -28.94
C CYS B 34 18.27 -2.80 -30.03
N TRP B 35 18.83 -3.99 -29.83
CA TRP B 35 18.64 -5.16 -30.73
C TRP B 35 18.17 -6.37 -29.89
N MET B 36 17.38 -7.30 -30.48
CA MET B 36 17.22 -8.64 -29.90
C MET B 36 18.45 -9.33 -30.33
N GLY B 37 18.68 -10.54 -29.83
CA GLY B 37 19.75 -11.36 -30.36
C GLY B 37 19.90 -12.71 -29.70
N THR B 38 20.88 -13.46 -30.21
CA THR B 38 21.22 -14.77 -29.77
C THR B 38 22.65 -14.74 -29.31
N TRP B 39 22.91 -15.18 -28.08
CA TRP B 39 24.29 -15.30 -27.63
C TRP B 39 24.56 -16.78 -27.58
N ASN B 40 25.82 -17.13 -27.86
CA ASN B 40 26.26 -18.52 -27.85
C ASN B 40 25.40 -19.39 -28.76
N GLY B 41 24.71 -18.78 -29.74
CA GLY B 41 23.83 -19.51 -30.67
C GLY B 41 22.64 -20.27 -30.11
N THR B 42 22.47 -20.31 -28.79
CA THR B 42 21.33 -21.00 -28.19
C THR B 42 20.86 -20.29 -26.96
N THR B 43 20.93 -18.96 -26.93
CA THR B 43 20.38 -18.20 -25.81
C THR B 43 19.82 -16.89 -26.37
N ARG B 44 18.52 -16.71 -26.20
CA ARG B 44 17.83 -15.48 -26.55
C ARG B 44 18.30 -14.41 -25.58
N VAL B 45 18.60 -13.24 -26.12
CA VAL B 45 19.20 -12.16 -25.36
C VAL B 45 18.88 -10.79 -25.98
N ALA B 46 18.84 -9.77 -25.11
CA ALA B 46 18.62 -8.40 -25.50
C ALA B 46 19.94 -7.68 -25.48
N ILE B 47 20.24 -6.92 -26.53
CA ILE B 47 21.52 -6.20 -26.63
C ILE B 47 21.31 -4.69 -26.93
N LYS B 48 22.09 -3.84 -26.27
CA LYS B 48 22.15 -2.40 -26.59
C LYS B 48 23.58 -1.95 -26.75
N THR B 49 23.80 -1.17 -27.80
CA THR B 49 25.11 -0.64 -28.24
C THR B 49 25.15 0.86 -27.98
N LEU B 50 26.35 1.45 -28.03
CA LEU B 50 26.53 2.92 -28.13
C LEU B 50 27.49 3.22 -29.29
N LYS B 51 27.39 4.40 -29.88
CA LYS B 51 28.14 4.74 -31.13
C LYS B 51 29.35 5.65 -30.85
N PRO B 52 30.54 5.34 -31.44
CA PRO B 52 31.74 6.07 -31.01
C PRO B 52 32.32 7.04 -32.04
N GLY B 53 31.44 7.81 -32.69
CA GLY B 53 31.88 9.00 -33.47
C GLY B 53 32.68 9.97 -32.60
N THR B 54 32.23 10.16 -31.36
CA THR B 54 32.99 10.76 -30.24
C THR B 54 32.64 10.00 -28.90
N MET B 55 33.60 9.23 -28.34
CA MET B 55 33.31 8.32 -27.19
C MET B 55 34.63 7.85 -26.47
N SER B 56 34.63 6.70 -25.75
CA SER B 56 35.86 5.93 -25.42
C SER B 56 35.51 4.53 -24.90
N PRO B 57 36.36 3.53 -25.21
CA PRO B 57 36.08 2.19 -24.70
C PRO B 57 36.01 2.10 -23.18
N GLU B 58 37.05 2.53 -22.47
CA GLU B 58 37.06 2.38 -20.97
C GLU B 58 36.42 3.57 -20.21
N ALA B 59 36.18 4.67 -20.93
CA ALA B 59 35.70 5.93 -20.30
C ALA B 59 34.38 5.82 -19.55
N PHE B 60 33.53 4.88 -19.95
CA PHE B 60 32.19 4.73 -19.46
C PHE B 60 32.05 3.54 -18.46
N LEU B 61 33.16 3.14 -17.83
CA LEU B 61 33.20 1.96 -16.92
C LEU B 61 32.62 2.21 -15.51
N GLN B 62 32.46 3.49 -15.13
CA GLN B 62 31.73 3.82 -13.89
C GLN B 62 30.22 3.63 -14.08
N GLU B 63 29.74 3.84 -15.29
CA GLU B 63 28.34 3.52 -15.61
C GLU B 63 28.16 2.00 -15.67
N ALA B 64 29.26 1.28 -15.93
CA ALA B 64 29.21 -0.18 -15.98
C ALA B 64 29.05 -0.74 -14.56
N GLN B 65 29.98 -0.32 -13.70
CA GLN B 65 30.13 -0.90 -12.35
C GLN B 65 28.80 -0.94 -11.59
N VAL B 66 28.22 0.26 -11.41
CA VAL B 66 26.96 0.46 -10.71
C VAL B 66 25.91 -0.52 -11.29
N MET B 67 25.90 -0.69 -12.62
CA MET B 67 25.00 -1.67 -13.20
C MET B 67 25.49 -3.07 -12.81
N LYS B 68 26.77 -3.35 -13.00
CA LYS B 68 27.32 -4.70 -12.74
C LYS B 68 27.21 -5.11 -11.26
N LYS B 69 27.19 -4.13 -10.36
CA LYS B 69 27.00 -4.39 -8.95
C LYS B 69 25.58 -4.83 -8.62
N LEU B 70 24.60 -4.15 -9.20
CA LEU B 70 23.16 -4.38 -8.95
C LEU B 70 22.54 -5.55 -9.72
N ARG B 71 21.86 -6.41 -8.98
CA ARG B 71 21.35 -7.68 -9.46
C ARG B 71 20.13 -8.12 -8.61
N HIS B 72 18.93 -7.81 -9.14
CA HIS B 72 17.65 -7.97 -8.44
C HIS B 72 16.58 -8.39 -9.43
N GLU B 73 15.56 -9.09 -8.92
CA GLU B 73 14.54 -9.72 -9.76
C GLU B 73 13.60 -8.76 -10.54
N LYS B 74 13.64 -7.47 -10.21
CA LYS B 74 12.91 -6.44 -10.92
C LYS B 74 13.85 -5.35 -11.55
N LEU B 75 15.15 -5.66 -11.70
CA LEU B 75 16.07 -4.89 -12.55
C LEU B 75 16.70 -5.81 -13.61
N VAL B 76 16.77 -5.30 -14.84
CA VAL B 76 17.04 -6.08 -16.04
C VAL B 76 18.44 -6.64 -15.84
N GLN B 77 18.50 -7.97 -15.71
CA GLN B 77 19.74 -8.63 -15.43
C GLN B 77 20.82 -8.41 -16.55
N LEU B 78 21.89 -7.70 -16.23
CA LEU B 78 23.04 -7.48 -17.12
C LEU B 78 23.89 -8.73 -17.23
N TYR B 79 23.50 -9.62 -18.13
CA TYR B 79 24.21 -10.88 -18.37
C TYR B 79 25.68 -10.71 -18.69
N ALA B 80 26.03 -9.78 -19.60
CA ALA B 80 27.46 -9.62 -20.05
C ALA B 80 27.71 -8.32 -20.81
N VAL B 81 28.97 -8.02 -21.10
CA VAL B 81 29.37 -6.76 -21.76
C VAL B 81 30.50 -6.93 -22.80
N VAL B 82 30.61 -5.99 -23.73
CA VAL B 82 31.74 -5.92 -24.69
C VAL B 82 32.42 -4.55 -24.58
N SER B 83 33.66 -4.53 -24.09
CA SER B 83 34.32 -3.29 -23.66
C SER B 83 34.94 -2.51 -24.80
N GLU B 84 35.62 -3.23 -25.72
CA GLU B 84 36.36 -2.57 -26.83
C GLU B 84 35.32 -2.08 -27.83
N GLU B 85 35.48 -0.85 -28.31
CA GLU B 85 34.46 -0.25 -29.21
C GLU B 85 34.38 -1.01 -30.54
N PRO B 86 33.19 -1.35 -31.04
CA PRO B 86 31.87 -0.97 -30.51
C PRO B 86 31.40 -1.79 -29.28
N ILE B 87 30.57 -1.14 -28.43
CA ILE B 87 30.31 -1.59 -27.05
C ILE B 87 28.90 -2.09 -26.82
N TYR B 88 28.74 -3.36 -27.12
CA TYR B 88 27.49 -4.05 -26.90
C TYR B 88 27.49 -4.42 -25.44
N ILE B 89 26.42 -4.04 -24.73
CA ILE B 89 26.07 -4.51 -23.38
C ILE B 89 24.83 -5.38 -23.50
N VAL B 90 24.70 -6.41 -22.66
CA VAL B 90 23.87 -7.59 -22.92
C VAL B 90 23.04 -8.00 -21.69
N THR B 91 21.84 -8.55 -21.91
CA THR B 91 20.74 -8.51 -20.95
C THR B 91 19.59 -9.51 -21.21
N GLU B 92 18.91 -9.94 -20.14
CA GLU B 92 17.69 -10.72 -20.25
C GLU B 92 16.78 -9.99 -21.22
N TYR B 93 16.32 -10.68 -22.27
CA TYR B 93 15.39 -10.09 -23.24
C TYR B 93 13.97 -10.11 -22.71
N MET B 94 13.50 -8.97 -22.22
CA MET B 94 12.09 -8.86 -21.83
C MET B 94 11.35 -8.70 -23.16
N SER B 95 10.30 -9.52 -23.35
CA SER B 95 9.73 -9.84 -24.66
C SER B 95 8.74 -8.80 -25.12
N LYS B 96 7.91 -8.34 -24.18
CA LYS B 96 6.80 -7.40 -24.45
C LYS B 96 7.29 -5.92 -24.52
N GLY B 97 8.60 -5.71 -24.48
CA GLY B 97 9.16 -4.42 -24.84
C GLY B 97 8.96 -3.44 -23.72
N SER B 98 8.97 -2.17 -24.07
CA SER B 98 8.94 -1.14 -23.08
C SER B 98 7.49 -1.01 -22.69
N LEU B 99 7.25 -0.38 -21.57
CA LEU B 99 5.93 -0.36 -20.91
C LEU B 99 5.03 0.67 -21.55
N LEU B 100 5.67 1.77 -22.02
CA LEU B 100 5.01 2.90 -22.74
C LEU B 100 4.38 2.39 -23.96
N ASP B 101 5.09 1.51 -24.67
CA ASP B 101 4.54 0.94 -25.89
C ASP B 101 3.53 -0.15 -25.60
N PHE B 102 3.74 -0.95 -24.57
CA PHE B 102 2.70 -1.91 -24.13
C PHE B 102 1.40 -1.26 -23.65
N LEU B 103 1.43 0.01 -23.29
CA LEU B 103 0.20 0.75 -22.84
C LEU B 103 -0.45 1.55 -23.95
N LYS B 104 0.37 2.16 -24.82
CA LYS B 104 -0.18 2.69 -26.08
C LYS B 104 -0.43 1.49 -27.02
N GLY B 105 0.17 0.33 -26.75
CA GLY B 105 -0.15 -0.94 -27.42
C GLY B 105 -1.64 -1.31 -27.44
N GLU B 106 -1.95 -2.40 -28.16
CA GLU B 106 -3.35 -2.87 -28.28
C GLU B 106 -3.76 -3.40 -26.92
N MET B 107 -2.76 -3.87 -26.14
CA MET B 107 -3.02 -4.44 -24.84
C MET B 107 -3.45 -3.39 -23.90
N GLY B 108 -2.60 -2.43 -23.67
CA GLY B 108 -2.95 -1.26 -22.88
C GLY B 108 -4.40 -0.82 -22.96
N LYS B 109 -5.11 -1.28 -24.01
CA LYS B 109 -6.53 -0.99 -24.23
C LYS B 109 -7.39 -1.63 -23.17
N TYR B 110 -7.21 -2.94 -23.07
CA TYR B 110 -7.99 -3.78 -22.18
C TYR B 110 -7.47 -3.78 -20.73
N LEU B 111 -6.15 -3.56 -20.55
CA LEU B 111 -5.56 -3.25 -19.25
C LEU B 111 -6.46 -2.45 -18.29
N ARG B 112 -6.70 -3.00 -17.09
CA ARG B 112 -7.52 -2.33 -16.11
C ARG B 112 -6.73 -1.95 -14.87
N LEU B 113 -7.36 -1.24 -13.92
CA LEU B 113 -6.63 -0.63 -12.73
C LEU B 113 -5.88 -1.58 -11.79
N PRO B 114 -6.46 -2.76 -11.38
CA PRO B 114 -5.76 -3.88 -10.70
C PRO B 114 -4.43 -4.33 -11.29
N GLN B 115 -4.24 -4.16 -12.59
CA GLN B 115 -2.98 -4.53 -13.18
C GLN B 115 -2.18 -3.25 -13.43
N LEU B 116 -2.85 -2.13 -13.62
CA LEU B 116 -2.03 -0.91 -13.69
C LEU B 116 -1.31 -0.68 -12.35
N VAL B 117 -2.02 -0.73 -11.21
CA VAL B 117 -1.34 -0.70 -9.86
C VAL B 117 -0.41 -1.88 -9.50
N ASP B 118 -0.73 -3.09 -9.88
CA ASP B 118 0.17 -4.25 -9.65
C ASP B 118 1.53 -4.02 -10.25
N MET B 119 1.53 -3.67 -11.54
CA MET B 119 2.78 -3.42 -12.27
C MET B 119 3.46 -2.32 -11.51
N ALA B 120 2.71 -1.28 -11.14
CA ALA B 120 3.27 -0.11 -10.50
C ALA B 120 3.89 -0.50 -9.17
N ALA B 121 3.21 -1.40 -8.44
CA ALA B 121 3.83 -2.04 -7.32
C ALA B 121 5.10 -2.77 -7.75
N GLN B 122 5.07 -3.69 -8.71
CA GLN B 122 6.30 -4.38 -9.16
C GLN B 122 7.48 -3.45 -9.46
N ILE B 123 7.25 -2.19 -9.79
CA ILE B 123 8.35 -1.28 -10.09
C ILE B 123 8.76 -0.55 -8.80
N ALA B 124 7.78 -0.12 -8.00
CA ALA B 124 8.06 0.32 -6.64
C ALA B 124 8.97 -0.67 -5.96
N SER B 125 8.71 -1.93 -6.14
CA SER B 125 9.70 -2.96 -5.84
C SER B 125 11.09 -2.55 -6.32
N GLY B 126 11.43 -2.80 -7.60
CA GLY B 126 12.75 -2.49 -8.13
C GLY B 126 13.35 -1.19 -7.61
N MET B 127 12.52 -0.15 -7.44
CA MET B 127 13.09 1.14 -6.98
C MET B 127 13.41 1.22 -5.48
N ALA B 128 12.76 0.35 -4.68
CA ALA B 128 13.22 0.03 -3.35
C ALA B 128 14.62 -0.62 -3.34
N TYR B 129 14.85 -1.63 -4.16
CA TYR B 129 16.17 -2.30 -4.16
C TYR B 129 17.31 -1.35 -4.46
N VAL B 130 17.12 -0.46 -5.43
CA VAL B 130 18.13 0.53 -5.79
C VAL B 130 18.30 1.38 -4.52
N GLU B 131 17.20 1.97 -4.10
CA GLU B 131 17.11 2.75 -2.87
C GLU B 131 17.83 2.17 -1.66
N ARG B 132 17.82 0.84 -1.48
CA ARG B 132 18.53 0.26 -0.34
C ARG B 132 20.02 0.16 -0.61
N MET B 133 20.39 -0.14 -1.86
CA MET B 133 21.81 -0.08 -2.28
C MET B 133 22.37 1.35 -2.54
N ASN B 134 21.60 2.40 -2.26
CA ASN B 134 22.08 3.80 -2.24
C ASN B 134 22.62 4.30 -3.58
N TYR B 135 21.83 4.03 -4.63
CA TYR B 135 22.09 4.52 -5.97
C TYR B 135 20.96 5.38 -6.42
N VAL B 136 21.22 6.17 -7.46
CA VAL B 136 20.17 6.94 -8.12
C VAL B 136 20.08 6.42 -9.55
N HIS B 137 18.93 6.66 -10.19
CA HIS B 137 18.72 6.23 -11.58
C HIS B 137 18.88 7.32 -12.64
N ARG B 138 18.58 8.59 -12.31
CA ARG B 138 18.67 9.75 -13.21
C ARG B 138 17.43 9.89 -14.06
N ASP B 139 17.10 8.82 -14.75
CA ASP B 139 15.93 8.74 -15.61
C ASP B 139 14.98 7.58 -15.26
N LEU B 140 13.74 7.92 -14.88
CA LEU B 140 12.74 6.91 -14.60
C LEU B 140 11.48 7.36 -15.30
N ARG B 141 11.02 6.49 -16.21
CA ARG B 141 9.71 6.68 -16.85
C ARG B 141 9.23 5.45 -17.58
N ALA B 142 7.91 5.37 -17.79
CA ALA B 142 7.26 4.22 -18.51
C ALA B 142 8.03 3.84 -19.79
N ALA B 143 8.51 4.88 -20.46
CA ALA B 143 9.33 4.70 -21.60
C ALA B 143 10.59 3.87 -21.32
N ASN B 144 11.02 3.72 -20.05
CA ASN B 144 12.20 2.90 -19.62
C ASN B 144 11.88 1.52 -18.98
N ILE B 145 10.67 1.38 -18.50
CA ILE B 145 10.30 0.27 -17.65
C ILE B 145 10.01 -0.82 -18.60
N LEU B 146 10.74 -1.92 -18.47
CA LEU B 146 10.52 -3.07 -19.34
C LEU B 146 9.36 -3.90 -18.79
N VAL B 147 8.97 -4.91 -19.61
CA VAL B 147 7.88 -5.86 -19.39
C VAL B 147 8.11 -7.14 -20.19
N GLY B 148 7.64 -8.25 -19.64
CA GLY B 148 7.86 -9.59 -20.19
C GLY B 148 6.65 -10.46 -19.96
N GLU B 149 6.82 -11.78 -20.04
CA GLU B 149 5.67 -12.69 -19.94
C GLU B 149 4.81 -12.41 -18.68
N ASN B 150 3.49 -12.56 -18.82
CA ASN B 150 2.54 -12.24 -17.76
C ASN B 150 2.89 -10.93 -17.06
N LEU B 151 3.12 -9.87 -17.84
CA LEU B 151 3.21 -8.50 -17.35
C LEU B 151 4.35 -8.20 -16.36
N VAL B 152 5.42 -8.97 -16.46
CA VAL B 152 6.50 -8.84 -15.53
C VAL B 152 7.26 -7.58 -15.92
N CYS B 153 6.93 -6.45 -15.29
CA CYS B 153 7.75 -5.23 -15.45
C CYS B 153 9.12 -5.33 -14.80
N LYS B 154 10.06 -4.52 -15.29
CA LYS B 154 11.34 -4.23 -14.64
C LYS B 154 11.74 -2.81 -15.06
N VAL B 155 12.52 -2.10 -14.25
CA VAL B 155 13.11 -0.82 -14.65
C VAL B 155 14.36 -1.18 -15.45
N ALA B 156 14.97 -0.24 -16.16
CA ALA B 156 16.29 -0.46 -16.73
C ALA B 156 17.01 0.85 -17.05
N ASP B 157 18.20 0.68 -17.62
CA ASP B 157 18.99 1.74 -18.22
C ASP B 157 19.13 2.96 -17.29
N PHE B 158 20.13 2.91 -16.40
CA PHE B 158 20.47 4.01 -15.43
C PHE B 158 20.89 5.36 -16.05
N GLY B 159 20.02 5.83 -16.99
CA GLY B 159 20.32 6.84 -17.98
C GLY B 159 21.69 6.73 -18.62
N LEU B 160 21.80 5.90 -19.67
CA LEU B 160 23.08 5.60 -20.33
C LEU B 160 23.26 6.27 -21.70
N PHE B 177 15.50 16.23 -23.86
CA PHE B 177 15.69 15.84 -22.45
C PHE B 177 14.34 15.82 -21.65
N PRO B 178 14.27 14.93 -20.56
CA PRO B 178 13.03 14.35 -20.04
C PRO B 178 12.55 15.12 -18.83
N ILE B 179 12.43 16.43 -19.01
CA ILE B 179 12.16 17.41 -17.97
C ILE B 179 10.74 17.28 -17.43
N LYS B 180 9.91 16.53 -18.15
CA LYS B 180 8.53 16.28 -17.73
C LYS B 180 8.39 15.31 -16.59
N TRP B 181 9.42 14.46 -16.37
CA TRP B 181 9.48 13.42 -15.32
C TRP B 181 10.41 13.77 -14.16
N THR B 182 10.96 14.99 -14.21
CA THR B 182 12.09 15.41 -13.34
C THR B 182 11.72 16.40 -12.19
N ALA B 183 12.22 16.12 -11.00
CA ALA B 183 11.87 16.93 -9.83
C ALA B 183 12.54 18.26 -10.05
N PRO B 184 11.84 19.39 -9.75
CA PRO B 184 12.40 20.76 -9.95
C PRO B 184 13.83 21.01 -9.40
N GLU B 185 14.09 20.50 -8.19
CA GLU B 185 15.42 20.57 -7.70
C GLU B 185 16.39 19.97 -8.74
N ALA B 186 15.95 18.95 -9.52
CA ALA B 186 16.85 18.22 -10.42
C ALA B 186 16.83 18.70 -11.88
N ALA B 187 15.84 19.47 -12.23
CA ALA B 187 15.86 20.14 -13.50
C ALA B 187 16.81 21.30 -13.38
N LEU B 188 16.75 22.06 -12.30
CA LEU B 188 17.41 23.35 -12.22
C LEU B 188 18.88 23.26 -11.73
N TYR B 189 19.09 22.48 -10.68
CA TYR B 189 20.38 22.42 -9.97
C TYR B 189 20.63 20.98 -9.65
N GLY B 190 21.24 20.21 -10.55
CA GLY B 190 21.37 18.75 -10.34
C GLY B 190 21.28 18.22 -8.89
N ARG B 191 20.08 18.30 -8.29
CA ARG B 191 19.78 17.55 -7.09
C ARG B 191 19.09 16.29 -7.53
N PHE B 192 19.87 15.43 -8.18
CA PHE B 192 19.44 14.08 -8.63
C PHE B 192 19.70 13.14 -7.45
N THR B 193 18.65 12.98 -6.66
CA THR B 193 18.69 12.19 -5.44
C THR B 193 17.41 11.44 -5.47
N ILE B 194 17.33 10.33 -4.75
CA ILE B 194 16.29 9.37 -5.00
C ILE B 194 14.91 9.91 -4.81
N LYS B 195 14.84 11.07 -4.18
CA LYS B 195 13.63 11.85 -4.12
C LYS B 195 13.38 12.71 -5.36
N SER B 196 14.25 12.64 -6.36
CA SER B 196 13.89 12.92 -7.79
C SER B 196 13.21 11.66 -8.46
N ASP B 197 13.83 10.47 -8.32
CA ASP B 197 13.27 9.22 -8.89
C ASP B 197 11.85 8.89 -8.32
N VAL B 198 11.40 9.53 -7.22
CA VAL B 198 10.03 9.31 -6.71
C VAL B 198 9.09 10.19 -7.47
N TRP B 199 9.55 11.42 -7.74
CA TRP B 199 8.74 12.42 -8.41
C TRP B 199 8.33 11.81 -9.70
N SER B 200 9.37 11.32 -10.42
CA SER B 200 9.23 10.62 -11.67
C SER B 200 8.21 9.51 -11.52
N PHE B 201 8.48 8.60 -10.58
CA PHE B 201 7.53 7.52 -10.24
C PHE B 201 6.11 8.01 -10.10
N GLY B 202 5.97 9.10 -9.37
CA GLY B 202 4.69 9.87 -9.38
C GLY B 202 4.15 10.34 -10.73
N ILE B 203 5.06 10.75 -11.64
CA ILE B 203 4.67 11.04 -13.04
C ILE B 203 4.38 9.71 -13.77
N LEU B 204 5.33 8.77 -13.82
CA LEU B 204 5.04 7.35 -14.20
C LEU B 204 3.64 6.84 -13.77
N LEU B 205 3.18 7.30 -12.61
CA LEU B 205 1.92 6.91 -12.04
C LEU B 205 0.73 7.46 -12.81
N THR B 206 0.94 8.56 -13.57
CA THR B 206 -0.06 9.08 -14.53
C THR B 206 -0.08 8.38 -15.87
N GLU B 207 0.98 7.68 -16.22
CA GLU B 207 1.12 7.15 -17.55
C GLU B 207 0.39 5.88 -17.60
N LEU B 208 0.58 5.08 -16.55
CA LEU B 208 -0.11 3.80 -16.45
C LEU B 208 -1.59 4.05 -16.39
N THR B 209 -1.97 5.10 -15.70
CA THR B 209 -3.39 5.49 -15.52
C THR B 209 -3.97 6.42 -16.58
N THR B 210 -3.21 6.68 -17.60
CA THR B 210 -3.79 7.29 -18.82
C THR B 210 -3.37 6.66 -20.11
N LYS B 211 -2.61 5.58 -20.06
CA LYS B 211 -2.16 4.83 -21.25
C LYS B 211 -1.20 5.73 -22.07
N GLY B 212 0.02 5.86 -21.54
CA GLY B 212 1.13 6.57 -22.12
C GLY B 212 0.83 7.92 -22.69
N ARG B 213 -0.05 8.69 -22.02
CA ARG B 213 -0.39 10.06 -22.50
C ARG B 213 0.58 11.07 -21.81
N VAL B 214 1.25 11.84 -22.66
CA VAL B 214 2.36 12.63 -22.23
C VAL B 214 2.06 13.36 -20.93
N PRO B 215 2.95 13.17 -19.95
CA PRO B 215 2.95 14.09 -18.83
C PRO B 215 2.82 15.55 -19.21
N TYR B 216 1.73 16.19 -18.81
CA TYR B 216 1.55 17.66 -18.92
C TYR B 216 0.81 18.05 -20.20
N PRO B 217 -0.32 17.37 -20.52
CA PRO B 217 -1.02 17.78 -21.75
C PRO B 217 -1.17 19.31 -21.89
N GLY B 218 -1.18 19.76 -23.14
CA GLY B 218 -1.33 21.19 -23.47
C GLY B 218 -0.07 22.01 -23.25
N MET B 219 1.05 21.36 -22.92
CA MET B 219 2.14 22.09 -22.31
C MET B 219 3.49 21.63 -22.76
N VAL B 220 4.43 22.53 -22.60
CA VAL B 220 5.78 22.43 -23.12
C VAL B 220 6.74 22.85 -22.03
N ASN B 221 7.95 22.32 -22.19
CA ASN B 221 8.93 22.12 -21.11
C ASN B 221 9.20 23.36 -20.25
N ARG B 222 8.82 24.55 -20.71
CA ARG B 222 9.09 25.79 -20.03
C ARG B 222 7.80 26.17 -19.28
N GLU B 223 6.69 26.12 -19.99
CA GLU B 223 5.41 26.29 -19.31
C GLU B 223 5.42 25.36 -18.06
N VAL B 224 5.91 24.12 -18.19
CA VAL B 224 5.85 23.17 -17.07
C VAL B 224 6.45 23.76 -15.81
N LEU B 225 7.75 24.04 -15.86
CA LEU B 225 8.46 24.55 -14.73
C LEU B 225 7.72 25.79 -14.25
N ASP B 226 7.82 26.92 -14.92
CA ASP B 226 6.97 28.08 -14.58
C ASP B 226 5.69 27.71 -13.77
N GLN B 227 4.93 26.66 -14.15
CA GLN B 227 3.70 26.30 -13.45
C GLN B 227 4.05 25.44 -12.25
N VAL B 228 4.62 24.25 -12.50
CA VAL B 228 5.09 23.35 -11.44
C VAL B 228 5.43 24.16 -10.21
N GLU B 229 6.42 25.03 -10.36
CA GLU B 229 6.90 25.79 -9.22
C GLU B 229 5.74 26.57 -8.67
N ARG B 230 5.11 27.34 -9.53
CA ARG B 230 4.13 28.27 -9.05
C ARG B 230 2.89 27.58 -8.50
N GLY B 231 3.03 26.28 -8.21
CA GLY B 231 2.12 25.49 -7.33
C GLY B 231 1.55 24.26 -8.01
N TYR B 232 1.28 24.38 -9.30
CA TYR B 232 0.44 23.52 -10.11
C TYR B 232 0.94 22.11 -10.17
N ARG B 233 -0.01 21.18 -10.05
CA ARG B 233 0.25 19.76 -10.18
C ARG B 233 -0.92 19.11 -10.86
N MET B 234 -0.62 18.04 -11.58
CA MET B 234 -1.62 17.29 -12.38
C MET B 234 -2.90 16.87 -11.62
N PRO B 235 -4.08 17.21 -12.18
CA PRO B 235 -5.30 16.82 -11.51
C PRO B 235 -5.43 15.31 -11.64
N CYS B 236 -6.14 14.68 -10.67
CA CYS B 236 -6.54 13.28 -10.83
C CYS B 236 -7.02 12.98 -12.25
N PRO B 237 -6.46 11.94 -12.90
CA PRO B 237 -7.04 11.49 -14.18
C PRO B 237 -8.55 11.22 -14.23
N PRO B 238 -9.15 11.21 -15.43
CA PRO B 238 -10.52 10.65 -15.56
C PRO B 238 -10.65 9.26 -15.00
N GLU B 239 -11.55 9.10 -14.04
CA GLU B 239 -11.94 7.83 -13.37
C GLU B 239 -10.91 7.15 -12.48
N CYS B 240 -9.98 7.93 -11.96
CA CYS B 240 -8.86 7.40 -11.13
C CYS B 240 -9.00 7.72 -9.61
N PRO B 241 -9.00 6.69 -8.70
CA PRO B 241 -9.38 6.98 -7.27
C PRO B 241 -8.46 8.03 -6.60
N GLU B 242 -9.10 8.92 -5.83
CA GLU B 242 -8.46 10.05 -5.14
C GLU B 242 -7.35 9.68 -4.15
N SER B 243 -7.37 8.45 -3.65
CA SER B 243 -6.24 7.89 -2.89
C SER B 243 -4.93 7.84 -3.64
N LEU B 244 -4.99 7.41 -4.89
CA LEU B 244 -3.79 7.34 -5.79
C LEU B 244 -3.34 8.69 -6.23
N HIS B 245 -4.28 9.58 -6.46
CA HIS B 245 -3.97 10.99 -6.60
C HIS B 245 -3.25 11.59 -5.38
N ASP B 246 -3.70 11.24 -4.16
CA ASP B 246 -2.99 11.57 -2.94
C ASP B 246 -1.56 11.00 -2.91
N LEU B 247 -1.40 9.76 -3.37
CA LEU B 247 -0.08 9.15 -3.46
C LEU B 247 0.69 9.88 -4.53
N MET B 248 0.02 10.24 -5.60
CA MET B 248 0.64 11.04 -6.66
C MET B 248 1.04 12.40 -6.13
N CYS B 249 0.08 13.20 -5.66
CA CYS B 249 0.36 14.50 -5.07
C CYS B 249 1.41 14.51 -3.92
N GLN B 250 1.70 13.40 -3.23
CA GLN B 250 2.86 13.39 -2.31
C GLN B 250 4.18 12.93 -2.88
N CYS B 251 4.16 12.36 -4.08
CA CYS B 251 5.41 12.15 -4.81
C CYS B 251 5.82 13.51 -5.35
N TRP B 252 4.85 14.43 -5.50
CA TRP B 252 5.25 15.75 -6.07
C TRP B 252 5.35 16.92 -5.09
N ARG B 253 5.72 16.66 -3.83
CA ARG B 253 5.85 17.80 -2.88
C ARG B 253 7.20 18.52 -3.10
N LYS B 254 7.16 19.85 -2.91
CA LYS B 254 8.27 20.78 -3.12
C LYS B 254 9.55 20.31 -2.46
N ASP B 255 9.57 20.14 -1.13
CA ASP B 255 10.74 19.69 -0.35
C ASP B 255 11.01 18.23 -0.67
N PRO B 256 12.14 17.93 -1.33
CA PRO B 256 12.41 16.57 -1.80
C PRO B 256 12.09 15.57 -0.75
N GLU B 257 12.69 15.75 0.45
CA GLU B 257 12.88 14.69 1.43
C GLU B 257 11.62 14.40 2.24
N GLU B 258 10.59 15.22 2.13
CA GLU B 258 9.26 14.83 2.59
C GLU B 258 8.42 14.18 1.48
N ARG B 259 9.06 13.60 0.47
CA ARG B 259 8.38 12.64 -0.40
C ARG B 259 8.43 11.26 0.30
N PRO B 260 7.53 10.32 -0.07
CA PRO B 260 7.55 9.01 0.65
C PRO B 260 8.72 8.12 0.14
N THR B 261 9.08 7.09 0.91
CA THR B 261 10.13 6.19 0.48
C THR B 261 9.58 5.18 -0.56
N PHE B 262 10.49 4.56 -1.34
CA PHE B 262 10.09 3.54 -2.35
C PHE B 262 9.60 2.21 -1.73
N GLU B 263 9.92 1.99 -0.43
CA GLU B 263 9.47 0.86 0.38
C GLU B 263 8.11 1.19 0.93
N TYR B 264 7.94 2.43 1.37
CA TYR B 264 6.61 2.85 1.75
C TYR B 264 5.77 2.65 0.50
N LEU B 265 6.19 3.21 -0.64
CA LEU B 265 5.48 3.00 -1.93
C LEU B 265 5.33 1.56 -2.41
N GLN B 266 6.33 0.72 -2.14
CA GLN B 266 6.22 -0.64 -2.59
C GLN B 266 5.03 -1.27 -1.86
N ALA B 267 4.94 -0.99 -0.58
CA ALA B 267 3.87 -1.48 0.25
C ALA B 267 2.55 -0.86 -0.11
N PHE B 268 2.45 0.44 -0.26
CA PHE B 268 1.11 1.04 -0.34
C PHE B 268 0.34 0.49 -1.54
N LEU B 269 1.01 0.54 -2.71
CA LEU B 269 0.57 -0.12 -3.94
C LEU B 269 0.29 -1.62 -3.85
N GLU B 270 1.23 -2.41 -3.33
CA GLU B 270 1.03 -3.85 -3.29
C GLU B 270 -0.28 -4.26 -2.55
N ASP B 271 -0.58 -3.60 -1.41
CA ASP B 271 -1.77 -3.90 -0.60
C ASP B 271 -2.90 -2.89 -0.82
N TYR B 272 -2.89 -2.21 -1.96
CA TYR B 272 -3.82 -1.10 -2.24
C TYR B 272 -5.29 -1.54 -2.11
N PHE B 273 -5.63 -2.65 -2.75
CA PHE B 273 -7.04 -3.04 -2.88
C PHE B 273 -7.64 -3.73 -1.68
N THR B 274 -6.81 -4.38 -0.86
CA THR B 274 -7.17 -4.81 0.49
C THR B 274 -7.35 -3.61 1.36
N SER B 275 -6.26 -2.91 1.64
CA SER B 275 -6.20 -1.91 2.73
C SER B 275 -6.80 -0.55 2.40
N THR B 276 -6.79 -0.13 1.12
CA THR B 276 -7.07 1.27 0.77
C THR B 276 -8.36 1.52 0.03
N GLU B 277 -8.51 0.84 -1.10
CA GLU B 277 -9.77 0.85 -1.81
C GLU B 277 -10.20 -0.59 -1.89
N PRO B 278 -10.95 -1.06 -0.89
CA PRO B 278 -11.72 -2.28 -0.99
C PRO B 278 -13.20 -1.99 -1.34
N GLN B 279 -13.45 -0.87 -2.09
CA GLN B 279 -14.80 -0.51 -2.53
C GLN B 279 -14.88 -0.20 -4.04
N TYR B 280 -13.78 -0.49 -4.77
CA TYR B 280 -13.70 -0.27 -6.21
C TYR B 280 -14.41 -1.42 -6.89
N GLN B 281 -15.46 -1.12 -7.65
CA GLN B 281 -15.87 -1.99 -8.77
C GLN B 281 -15.31 -1.36 -10.07
N PRO B 282 -15.23 -2.13 -11.19
CA PRO B 282 -14.55 -1.58 -12.38
C PRO B 282 -15.36 -0.55 -13.20
N GLY B 283 -14.65 0.11 -14.14
CA GLY B 283 -15.14 1.29 -14.90
C GLY B 283 -15.13 1.12 -16.42
N GLU B 284 -14.96 2.23 -17.16
CA GLU B 284 -14.93 2.18 -18.66
C GLU B 284 -13.51 2.14 -19.21
N ASN B 285 -12.52 2.53 -18.44
CA ASN B 285 -11.11 2.46 -18.86
C ASN B 285 -10.29 1.73 -17.81
N LEU B 286 -10.38 2.28 -16.59
CA LEU B 286 -9.77 1.75 -15.38
C LEU B 286 -10.72 0.73 -14.67
O1 S56 C . -15.47 6.27 6.59
C21 S56 C . -15.28 5.49 7.53
N4 S56 C . -14.26 4.62 7.57
C22 S56 C . -13.95 3.70 6.47
C24 S56 C . -15.12 2.77 6.23
C23 S56 C . -13.54 4.48 5.23
C19 S56 C . -16.16 5.52 8.78
C20 S56 C . -17.38 4.69 8.64
N3 S56 C . -18.31 4.04 8.56
C18 S56 C . -16.58 6.97 9.13
C17 S56 C . -15.95 7.39 10.55
N5 S56 C . -14.65 7.86 10.68
C25 S56 C . -13.54 7.53 9.77
C26 S56 C . -12.18 8.19 10.03
O2 S56 C . -12.34 9.61 10.18
C27 S56 C . -11.18 10.22 10.73
C2 S56 C . -14.54 8.36 11.98
N2 S56 C . -13.58 9.19 12.42
C1 S56 C . -13.75 9.54 13.70
N1 S56 C . -14.72 9.17 14.55
C4 S56 C . -16.51 7.22 11.80
C3 S56 C . -15.64 7.89 12.74
C S56 C . -15.68 8.33 14.10
N S56 C . -16.62 7.94 14.97
C5 S56 C . -17.72 6.42 12.13
C16 S56 C . -18.79 7.02 12.77
C15 S56 C . -19.94 6.29 13.04
C8 S56 C . -20.02 4.94 12.69
C7 S56 C . -18.94 4.34 12.06
C6 S56 C . -17.79 5.07 11.79
O S56 C . -21.25 4.35 12.96
C9 S56 C . -21.38 3.03 13.37
C14 S56 C . -22.65 2.49 13.23
C13 S56 C . -22.90 1.21 13.68
C12 S56 C . -21.90 0.47 14.27
C11 S56 C . -20.65 1.02 14.43
C10 S56 C . -20.37 2.30 13.96
O1 S56 D . 17.83 2.14 -25.62
C21 S56 D . 16.61 2.28 -25.68
N4 S56 D . 16.01 3.42 -26.07
C22 S56 D . 15.65 3.69 -27.48
C24 S56 D . 15.92 5.15 -27.81
C23 S56 D . 14.21 3.28 -27.77
C19 S56 D . 15.68 1.11 -25.32
C20 S56 D . 15.58 1.23 -23.87
N3 S56 D . 15.49 1.36 -22.73
C18 S56 D . 16.28 -0.22 -25.82
C17 S56 D . 15.48 -1.52 -25.51
N5 S56 D . 14.14 -1.77 -25.77
C25 S56 D . 13.38 -1.16 -26.88
C26 S56 D . 12.18 -0.36 -26.46
O2 S56 D . 11.03 -0.99 -27.02
C27 S56 D . 9.87 -0.16 -27.18
C2 S56 D . 13.89 -3.10 -25.39
N2 S56 D . 12.71 -3.74 -25.51
C1 S56 D . 12.78 -5.01 -25.07
N1 S56 D . 13.81 -5.66 -24.51
C4 S56 D . 16.05 -2.58 -24.86
C3 S56 D . 15.06 -3.64 -24.82
C S56 D . 14.97 -4.98 -24.34
N S56 D . 15.92 -5.57 -23.61
C5 S56 D . 17.29 -2.52 -24.05
C16 S56 D . 17.36 -1.71 -22.92
C15 S56 D . 18.45 -1.76 -22.08
C8 S56 D . 19.49 -2.64 -22.35
C7 S56 D . 19.46 -3.40 -23.50
C6 S56 D . 18.37 -3.34 -24.34
O S56 D . 20.46 -2.92 -21.40
C9 S56 D . 21.53 -2.05 -21.16
C14 S56 D . 22.12 -1.96 -19.90
C13 S56 D . 23.32 -1.28 -19.76
C12 S56 D . 23.91 -0.68 -20.87
C11 S56 D . 23.29 -0.73 -22.09
C10 S56 D . 22.08 -1.38 -22.24
#